data_4CWM
#
_entry.id   4CWM
#
_cell.length_a   45.375
_cell.length_b   52.706
_cell.length_c   61.105
_cell.angle_alpha   71.34
_cell.angle_beta   78.57
_cell.angle_gamma   76.74
#
_symmetry.space_group_name_H-M   'P 1'
#
loop_
_entity.id
_entity.type
_entity.pdbx_description
1 polymer 'ENDONUCLEASE 2'
2 branched alpha-D-mannopyranose-(1-3)-[alpha-D-mannopyranose-(1-6)]beta-D-mannopyranose-(1-4)-2-acetamido-2-deoxy-beta-D-glucopyranose-(1-4)-2-acetamido-2-deoxy-beta-D-glucopyranose
3 branched 2-acetamido-2-deoxy-beta-D-glucopyranose-(1-4)-2-acetamido-2-deoxy-beta-D-glucopyranose
4 branched beta-D-mannopyranose-(1-4)-2-acetamido-2-deoxy-beta-D-glucopyranose-(1-4)-2-acetamido-2-deoxy-beta-D-glucopyranose
5 non-polymer 'ZINC ION'
6 water water
#
_entity_poly.entity_id   1
_entity_poly.type   'polypeptide(L)'
_entity_poly.pdbx_seq_one_letter_code
;WGKEGHEIICKIAQTRLDETAAKAVKELLPESAEGDLSSLCLWADRVKFRYHWSSPLHYINTPDACSYQYNRDCKDESGE
KGRCVAGAIYNYTTQLLSYKTAASSQSQYNLTEALLFVSHFMGDIHQPLHVSYASDKGGNTIEVHWYTRKANLHHIWDSN
IIETAEADLYNSALEGMVDALKKNITTEWADQVKRWETCTKKTACPDIYASEGIQAACDWAYKGVTEGDTLEDEYFYSRL
PIVYQRLAQGGVRLAATLNRIFGHHHHHH
;
_entity_poly.pdbx_strand_id   A,B
#
# COMPACT_ATOMS: atom_id res chain seq x y z
N TRP A 1 3.77 15.55 -14.87
CA TRP A 1 4.22 16.73 -14.08
C TRP A 1 4.95 17.75 -14.92
N GLY A 2 5.06 18.94 -14.39
CA GLY A 2 5.87 19.94 -15.00
C GLY A 2 7.30 19.63 -14.60
N LYS A 3 8.15 20.61 -14.82
CA LYS A 3 9.59 20.43 -14.70
C LYS A 3 10.07 20.05 -13.31
N GLU A 4 9.59 20.76 -12.30
CA GLU A 4 9.96 20.52 -10.89
C GLU A 4 9.67 19.08 -10.50
N GLY A 5 8.46 18.62 -10.80
CA GLY A 5 8.05 17.27 -10.38
C GLY A 5 8.96 16.23 -10.98
N HIS A 6 9.25 16.34 -12.27
CA HIS A 6 10.13 15.37 -12.93
C HIS A 6 11.57 15.42 -12.42
N GLU A 7 12.07 16.61 -12.11
CA GLU A 7 13.38 16.73 -11.48
C GLU A 7 13.47 15.96 -10.19
N ILE A 8 12.46 16.21 -9.35
CA ILE A 8 12.41 15.64 -8.02
C ILE A 8 12.41 14.15 -8.16
N ILE A 9 11.59 13.64 -9.06
CA ILE A 9 11.50 12.20 -9.26
C ILE A 9 12.83 11.60 -9.75
N CYS A 10 13.42 12.19 -10.76
CA CYS A 10 14.64 11.67 -11.31
C CYS A 10 15.85 11.84 -10.39
N LYS A 11 15.91 12.92 -9.63
CA LYS A 11 16.98 13.09 -8.64
C LYS A 11 16.95 12.01 -7.59
N ILE A 12 15.75 11.72 -7.09
CA ILE A 12 15.58 10.72 -6.07
C ILE A 12 15.98 9.39 -6.66
N ALA A 13 15.36 9.04 -7.79
CA ALA A 13 15.68 7.81 -8.48
C ALA A 13 17.18 7.59 -8.62
N GLN A 14 17.90 8.63 -9.02
CA GLN A 14 19.28 8.42 -9.42
C GLN A 14 20.19 8.12 -8.23
N THR A 15 19.77 8.52 -7.04
CA THR A 15 20.59 8.31 -5.85
C THR A 15 20.21 6.99 -5.18
N ARG A 16 19.25 6.30 -5.76
CA ARG A 16 18.82 5.00 -5.32
C ARG A 16 19.18 3.88 -6.30
N LEU A 17 19.97 4.21 -7.33
CA LEU A 17 20.40 3.22 -8.30
C LEU A 17 21.53 2.39 -7.69
N ASP A 18 21.50 1.07 -7.86
CA ASP A 18 22.66 0.22 -7.50
C ASP A 18 23.77 0.44 -8.53
N GLU A 19 24.93 -0.18 -8.32
CA GLU A 19 26.11 0.12 -9.12
C GLU A 19 25.96 -0.21 -10.60
N THR A 20 25.36 -1.34 -10.92
CA THR A 20 25.20 -1.70 -12.34
C THR A 20 24.20 -0.75 -13.08
N ALA A 21 23.11 -0.38 -12.41
CA ALA A 21 22.14 0.54 -13.03
C ALA A 21 22.76 1.95 -13.19
N ALA A 22 23.55 2.36 -12.20
CA ALA A 22 24.19 3.65 -12.17
C ALA A 22 25.15 3.75 -13.32
N LYS A 23 25.89 2.67 -13.55
CA LYS A 23 26.78 2.54 -14.70
C LYS A 23 26.02 2.64 -16.02
N ALA A 24 24.98 1.80 -16.18
CA ALA A 24 24.19 1.79 -17.42
C ALA A 24 23.68 3.19 -17.75
N VAL A 25 23.12 3.88 -16.75
CA VAL A 25 22.49 5.18 -16.97
C VAL A 25 23.49 6.23 -17.43
N LYS A 26 24.66 6.26 -16.82
CA LYS A 26 25.71 7.16 -17.31
C LYS A 26 26.09 6.86 -18.77
N GLU A 27 26.16 5.58 -19.14
CA GLU A 27 26.58 5.21 -20.48
C GLU A 27 25.53 5.62 -21.54
N LEU A 28 24.25 5.46 -21.21
CA LEU A 28 23.14 5.86 -22.07
C LEU A 28 22.88 7.37 -22.14
N LEU A 29 23.26 8.10 -21.10
CA LEU A 29 22.97 9.53 -21.07
C LEU A 29 23.97 10.26 -21.98
N PRO A 30 23.52 11.28 -22.72
CA PRO A 30 24.49 12.05 -23.49
C PRO A 30 25.50 12.77 -22.60
N GLU A 31 26.66 13.11 -23.16
CA GLU A 31 27.71 13.82 -22.44
C GLU A 31 27.23 15.18 -21.96
N SER A 32 26.29 15.75 -22.71
CA SER A 32 25.69 17.05 -22.39
C SER A 32 24.94 17.03 -21.04
N ALA A 33 24.41 15.86 -20.70
CA ALA A 33 23.78 15.64 -19.40
C ALA A 33 24.78 15.83 -18.26
N GLU A 34 26.02 15.36 -18.45
CA GLU A 34 27.04 15.27 -17.38
C GLU A 34 26.61 14.29 -16.28
N GLY A 35 26.08 13.14 -16.70
CA GLY A 35 25.72 12.06 -15.78
C GLY A 35 24.43 12.24 -15.00
N ASP A 36 23.79 13.40 -15.12
CA ASP A 36 22.61 13.79 -14.35
C ASP A 36 21.29 13.40 -15.10
N LEU A 37 20.61 12.35 -14.65
CA LEU A 37 19.33 11.90 -15.23
C LEU A 37 18.29 13.02 -15.24
N SER A 38 18.27 13.81 -14.16
CA SER A 38 17.28 14.89 -14.03
C SER A 38 17.45 16.00 -15.05
N SER A 39 18.61 16.10 -15.72
CA SER A 39 18.75 17.14 -16.73
C SER A 39 17.88 16.87 -17.98
N LEU A 40 17.51 15.60 -18.20
CA LEU A 40 16.77 15.24 -19.38
C LEU A 40 15.41 14.58 -19.09
N CYS A 41 14.90 14.70 -17.88
CA CYS A 41 13.67 14.00 -17.53
C CYS A 41 12.42 14.74 -18.00
N LEU A 42 12.57 15.91 -18.61
CA LEU A 42 11.45 16.58 -19.29
C LEU A 42 11.52 16.42 -20.78
N TRP A 43 12.59 15.78 -21.28
CA TRP A 43 12.79 15.61 -22.72
C TRP A 43 11.56 15.07 -23.46
N ALA A 44 10.90 14.07 -22.88
CA ALA A 44 9.72 13.52 -23.51
C ALA A 44 8.62 14.58 -23.77
N ASP A 45 8.55 15.62 -22.94
CA ASP A 45 7.48 16.63 -23.15
C ASP A 45 7.79 17.51 -24.37
N ARG A 46 9.04 17.49 -24.83
CA ARG A 46 9.50 18.31 -25.96
C ARG A 46 9.35 17.59 -27.28
N VAL A 47 9.00 16.31 -27.27
CA VAL A 47 8.88 15.56 -28.52
C VAL A 47 7.47 15.05 -28.81
N LYS A 48 6.44 15.68 -28.25
CA LYS A 48 5.05 15.27 -28.54
C LYS A 48 4.60 15.47 -29.99
N PHE A 49 5.20 16.43 -30.70
CA PHE A 49 4.89 16.73 -32.09
C PHE A 49 5.99 16.28 -33.04
N ARG A 50 7.24 16.34 -32.57
CA ARG A 50 8.34 15.69 -33.27
C ARG A 50 8.07 14.18 -33.52
N TYR A 51 7.57 13.51 -32.49
CA TYR A 51 7.16 12.12 -32.52
C TYR A 51 5.69 12.14 -32.10
N HIS A 52 4.81 12.49 -33.03
CA HIS A 52 3.42 12.70 -32.69
C HIS A 52 2.83 11.44 -32.06
N TRP A 53 3.36 10.29 -32.44
CA TRP A 53 2.92 9.00 -31.91
C TRP A 53 3.14 8.85 -30.38
N SER A 54 4.01 9.69 -29.83
CA SER A 54 4.32 9.67 -28.38
C SER A 54 3.32 10.38 -27.46
N SER A 55 2.39 11.20 -27.96
CA SER A 55 1.67 12.11 -27.09
C SER A 55 0.60 11.44 -26.22
N PRO A 56 -0.09 10.40 -26.75
CA PRO A 56 -0.95 9.57 -25.89
C PRO A 56 -0.26 8.82 -24.75
N LEU A 57 1.04 8.77 -24.79
CA LEU A 57 1.83 7.90 -23.94
C LEU A 57 2.11 8.57 -22.61
N HIS A 58 1.71 9.83 -22.49
CA HIS A 58 1.95 10.58 -21.27
C HIS A 58 0.85 10.38 -20.21
N TYR A 59 -0.27 9.74 -20.55
CA TYR A 59 -1.44 9.72 -19.65
C TYR A 59 -2.33 8.51 -19.89
N ILE A 60 -3.35 8.38 -19.03
CA ILE A 60 -4.46 7.44 -19.23
C ILE A 60 -5.81 8.17 -19.02
N ASN A 61 -6.72 7.90 -19.91
CA ASN A 61 -8.08 8.40 -19.83
C ASN A 61 -8.99 7.29 -19.32
N THR A 62 -9.77 7.59 -18.30
CA THR A 62 -10.78 6.66 -17.84
C THR A 62 -12.18 7.27 -18.03
N PRO A 63 -13.22 6.41 -17.93
CA PRO A 63 -14.59 6.91 -17.91
C PRO A 63 -14.82 7.66 -16.61
N ASP A 64 -16.00 8.25 -16.43
CA ASP A 64 -16.28 8.99 -15.21
C ASP A 64 -16.47 8.00 -14.10
N ALA A 65 -15.36 7.52 -13.55
CA ALA A 65 -15.40 6.54 -12.46
C ALA A 65 -14.00 6.35 -11.88
N CYS A 66 -13.93 5.82 -10.67
CA CYS A 66 -12.68 5.72 -9.94
C CYS A 66 -12.06 4.34 -10.06
N SER A 67 -11.75 3.95 -11.30
CA SER A 67 -11.11 2.68 -11.55
C SER A 67 -10.26 2.78 -12.78
N TYR A 68 -9.27 1.92 -12.84
CA TYR A 68 -8.50 1.74 -14.02
C TYR A 68 -8.41 0.26 -14.33
N GLN A 69 -8.64 -0.09 -15.60
CA GLN A 69 -8.33 -1.42 -16.12
C GLN A 69 -7.53 -1.27 -17.39
N TYR A 70 -6.48 -2.06 -17.54
CA TYR A 70 -5.60 -1.97 -18.71
C TYR A 70 -6.29 -2.17 -20.04
N ASN A 71 -7.08 -3.24 -20.13
CA ASN A 71 -7.64 -3.61 -21.41
C ASN A 71 -8.73 -2.61 -21.80
N ARG A 72 -9.46 -2.13 -20.79
CA ARG A 72 -10.44 -1.08 -20.99
C ARG A 72 -9.85 0.31 -21.30
N ASP A 73 -8.88 0.73 -20.50
CA ASP A 73 -8.37 2.09 -20.59
C ASP A 73 -7.06 2.28 -21.35
N CYS A 74 -6.24 1.25 -21.53
CA CYS A 74 -4.95 1.54 -22.16
C CYS A 74 -5.02 1.56 -23.68
N LYS A 75 -5.27 2.74 -24.21
CA LYS A 75 -5.43 2.89 -25.67
C LYS A 75 -5.53 4.36 -26.08
N ASP A 76 -5.15 4.64 -27.30
CA ASP A 76 -5.17 6.03 -27.76
C ASP A 76 -6.50 6.37 -28.43
N GLU A 77 -6.54 7.48 -29.18
CA GLU A 77 -7.79 7.95 -29.76
C GLU A 77 -8.20 7.13 -30.99
N SER A 78 -7.21 6.44 -31.58
CA SER A 78 -7.48 5.41 -32.58
C SER A 78 -7.91 4.07 -31.97
N GLY A 79 -8.02 4.00 -30.65
CA GLY A 79 -8.35 2.73 -30.01
C GLY A 79 -7.20 1.73 -29.97
N GLU A 80 -6.01 2.13 -30.44
CA GLU A 80 -4.86 1.22 -30.46
C GLU A 80 -4.39 0.84 -29.07
N LYS A 81 -4.35 -0.47 -28.83
CA LYS A 81 -4.14 -1.02 -27.49
C LYS A 81 -2.71 -0.84 -26.95
N GLY A 82 -2.62 -0.54 -25.67
CA GLY A 82 -1.31 -0.27 -25.08
C GLY A 82 -0.74 1.11 -25.36
N ARG A 83 -1.45 1.93 -26.13
CA ARG A 83 -0.99 3.30 -26.36
C ARG A 83 -1.42 4.26 -25.21
N CYS A 84 -0.75 4.09 -24.08
CA CYS A 84 -0.96 4.92 -22.91
C CYS A 84 0.27 4.87 -21.97
N VAL A 85 0.29 5.67 -20.93
CA VAL A 85 1.48 5.74 -20.09
C VAL A 85 1.87 4.37 -19.51
N ALA A 86 0.90 3.55 -19.13
CA ALA A 86 1.16 2.17 -18.71
C ALA A 86 1.82 1.27 -19.79
N GLY A 87 1.17 1.18 -20.96
CA GLY A 87 1.73 0.49 -22.12
C GLY A 87 3.12 1.01 -22.53
N ALA A 88 3.34 2.32 -22.40
CA ALA A 88 4.66 2.90 -22.73
C ALA A 88 5.79 2.45 -21.77
N ILE A 89 5.44 2.34 -20.49
CA ILE A 89 6.42 1.88 -19.49
C ILE A 89 6.79 0.42 -19.79
N TYR A 90 5.81 -0.39 -20.20
CA TYR A 90 6.06 -1.81 -20.54
C TYR A 90 6.99 -1.89 -21.76
N ASN A 91 6.65 -1.11 -22.79
CA ASN A 91 7.47 -1.01 -23.99
C ASN A 91 8.92 -0.60 -23.76
N TYR A 92 9.10 0.56 -23.16
CA TYR A 92 10.45 1.06 -22.98
C TYR A 92 11.32 0.31 -21.93
N THR A 93 10.72 -0.28 -20.92
CA THR A 93 11.51 -1.10 -19.96
C THR A 93 11.98 -2.39 -20.66
N THR A 94 11.08 -2.99 -21.44
CA THR A 94 11.39 -4.17 -22.27
C THR A 94 12.57 -3.91 -23.20
N GLN A 95 12.54 -2.78 -23.91
CA GLN A 95 13.69 -2.38 -24.74
C GLN A 95 14.98 -2.31 -23.90
N LEU A 96 14.93 -1.68 -22.72
CA LEU A 96 16.17 -1.51 -21.94
C LEU A 96 16.71 -2.85 -21.46
N LEU A 97 15.88 -3.91 -21.41
CA LEU A 97 16.37 -5.28 -21.20
C LEU A 97 17.40 -5.72 -22.24
N SER A 98 17.41 -5.10 -23.41
CA SER A 98 18.40 -5.41 -24.44
C SER A 98 19.80 -4.81 -24.22
N TYR A 99 19.94 -3.83 -23.33
CA TYR A 99 21.24 -3.15 -23.15
C TYR A 99 22.36 -4.15 -22.87
N LYS A 100 23.54 -3.94 -23.46
CA LYS A 100 24.68 -4.83 -23.23
C LYS A 100 25.91 -4.03 -22.84
N SER A 107 19.30 -3.21 -30.76
CA SER A 107 18.86 -3.62 -32.09
C SER A 107 18.24 -2.44 -32.86
N GLN A 108 16.93 -2.47 -33.09
CA GLN A 108 16.29 -1.39 -33.87
C GLN A 108 16.12 -0.12 -33.03
N TYR A 109 16.30 -0.24 -31.70
CA TYR A 109 15.85 0.80 -30.76
C TYR A 109 16.97 1.66 -30.15
N ASN A 110 16.68 2.94 -30.03
CA ASN A 110 17.59 3.88 -29.40
C ASN A 110 17.38 3.78 -27.89
N LEU A 111 18.37 3.23 -27.20
CA LEU A 111 18.24 2.95 -25.78
C LEU A 111 18.46 4.22 -24.95
N THR A 112 19.07 5.26 -25.52
CA THR A 112 19.03 6.57 -24.84
C THR A 112 17.59 7.12 -24.77
N GLU A 113 16.80 6.91 -25.82
CA GLU A 113 15.38 7.36 -25.84
C GLU A 113 14.55 6.55 -24.88
N ALA A 114 14.79 5.24 -24.86
CA ALA A 114 14.02 4.37 -23.99
C ALA A 114 14.23 4.76 -22.52
N LEU A 115 15.48 5.04 -22.16
CA LEU A 115 15.79 5.55 -20.84
C LEU A 115 15.04 6.87 -20.54
N LEU A 116 15.08 7.81 -21.48
CA LEU A 116 14.47 9.12 -21.28
C LEU A 116 12.94 9.01 -21.23
N PHE A 117 12.36 8.10 -22.02
CA PHE A 117 10.91 7.89 -22.03
C PHE A 117 10.50 7.21 -20.72
N VAL A 118 11.21 6.15 -20.35
CA VAL A 118 10.83 5.42 -19.16
C VAL A 118 10.94 6.34 -17.94
N SER A 119 11.98 7.16 -17.91
CA SER A 119 12.18 8.05 -16.75
C SER A 119 11.01 9.03 -16.64
N HIS A 120 10.63 9.60 -17.78
CA HIS A 120 9.54 10.56 -17.83
C HIS A 120 8.19 9.95 -17.51
N PHE A 121 7.91 8.78 -18.12
CA PHE A 121 6.63 8.15 -17.96
C PHE A 121 6.41 7.59 -16.55
N MET A 122 7.47 7.06 -15.93
CA MET A 122 7.37 6.65 -14.54
C MET A 122 6.92 7.83 -13.68
N GLY A 123 7.44 9.03 -13.95
CA GLY A 123 6.98 10.22 -13.28
C GLY A 123 5.51 10.56 -13.58
N ASP A 124 5.16 10.55 -14.86
CA ASP A 124 3.79 10.90 -15.29
C ASP A 124 2.76 9.95 -14.79
N ILE A 125 3.02 8.64 -14.76
CA ILE A 125 2.04 7.67 -14.25
C ILE A 125 1.70 7.87 -12.77
N HIS A 126 2.52 8.67 -12.11
CA HIS A 126 2.30 8.98 -10.68
C HIS A 126 1.59 10.32 -10.45
N GLN A 127 1.44 11.11 -11.49
CA GLN A 127 0.57 12.29 -11.45
C GLN A 127 -0.90 11.82 -11.45
N PRO A 128 -1.64 12.08 -10.36
CA PRO A 128 -3.00 11.56 -10.30
C PRO A 128 -3.84 11.95 -11.52
N LEU A 129 -3.74 13.20 -11.97
CA LEU A 129 -4.49 13.67 -13.11
C LEU A 129 -3.93 13.26 -14.47
N HIS A 130 -2.84 12.50 -14.51
CA HIS A 130 -2.40 11.85 -15.78
C HIS A 130 -3.03 10.47 -15.92
N VAL A 131 -3.85 10.13 -14.94
CA VAL A 131 -4.66 8.92 -14.92
C VAL A 131 -6.04 9.26 -14.39
N SER A 132 -6.84 9.93 -15.20
CA SER A 132 -8.12 10.45 -14.71
C SER A 132 -9.12 10.61 -15.87
N TYR A 133 -10.18 11.35 -15.63
CA TYR A 133 -11.35 11.35 -16.52
C TYR A 133 -11.01 11.92 -17.90
N ALA A 134 -11.33 11.15 -18.94
CA ALA A 134 -11.38 11.69 -20.29
C ALA A 134 -12.41 12.79 -20.47
N SER A 135 -13.46 12.84 -19.65
CA SER A 135 -14.54 13.83 -19.85
C SER A 135 -14.10 15.25 -19.60
N ASP A 136 -13.13 15.41 -18.69
CA ASP A 136 -12.57 16.72 -18.40
C ASP A 136 -11.08 16.72 -18.75
N LYS A 137 -10.70 15.81 -19.63
CA LYS A 137 -9.31 15.68 -20.08
C LYS A 137 -8.29 15.73 -18.96
N GLY A 138 -8.50 14.92 -17.93
CA GLY A 138 -7.55 14.85 -16.83
C GLY A 138 -7.50 16.13 -16.03
N GLY A 139 -8.61 16.86 -16.06
CA GLY A 139 -8.73 18.09 -15.31
C GLY A 139 -8.32 19.37 -16.00
N ASN A 140 -7.79 19.28 -17.22
CA ASN A 140 -7.45 20.46 -18.01
C ASN A 140 -8.60 21.40 -18.32
N THR A 141 -9.82 20.86 -18.35
CA THR A 141 -10.98 21.68 -18.65
C THR A 141 -11.66 22.25 -17.43
N ILE A 142 -11.14 21.94 -16.24
CA ILE A 142 -11.69 22.47 -15.02
C ILE A 142 -10.92 23.75 -14.68
N GLU A 143 -11.50 24.90 -15.03
CA GLU A 143 -10.89 26.17 -14.69
C GLU A 143 -11.24 26.58 -13.26
N VAL A 144 -10.20 26.78 -12.45
CA VAL A 144 -10.33 27.32 -11.11
C VAL A 144 -9.31 28.47 -10.96
N HIS A 145 -9.18 29.03 -9.76
CA HIS A 145 -8.06 29.93 -9.51
C HIS A 145 -7.13 29.25 -8.53
N TRP A 146 -5.84 29.38 -8.78
CA TRP A 146 -4.82 29.05 -7.78
C TRP A 146 -4.44 30.35 -7.03
N TYR A 147 -4.96 30.48 -5.81
CA TYR A 147 -4.97 31.76 -5.12
C TYR A 147 -5.48 32.79 -6.12
N THR A 148 -4.64 33.77 -6.48
CA THR A 148 -5.04 34.91 -7.34
C THR A 148 -4.92 34.67 -8.86
N ARG A 149 -4.36 33.53 -9.26
CA ARG A 149 -4.19 33.26 -10.68
C ARG A 149 -5.16 32.23 -11.20
N LYS A 150 -5.81 32.52 -12.33
CA LYS A 150 -6.55 31.49 -13.08
C LYS A 150 -5.64 30.34 -13.45
N ALA A 151 -6.11 29.12 -13.24
CA ALA A 151 -5.36 27.92 -13.63
C ALA A 151 -6.35 26.81 -13.88
N ASN A 152 -5.96 25.78 -14.61
CA ASN A 152 -6.80 24.59 -14.64
C ASN A 152 -6.35 23.58 -13.60
N LEU A 153 -7.26 22.68 -13.23
CA LEU A 153 -6.97 21.71 -12.17
C LEU A 153 -5.79 20.83 -12.51
N HIS A 154 -5.62 20.54 -13.80
CA HIS A 154 -4.54 19.65 -14.18
C HIS A 154 -3.23 20.34 -13.87
N HIS A 155 -3.12 21.60 -14.31
CA HIS A 155 -1.91 22.38 -14.15
C HIS A 155 -1.54 22.56 -12.66
N ILE A 156 -2.56 22.73 -11.82
CA ILE A 156 -2.35 22.84 -10.38
C ILE A 156 -1.62 21.62 -9.82
N TRP A 157 -1.96 20.44 -10.35
CA TRP A 157 -1.29 19.21 -9.93
C TRP A 157 0.06 18.98 -10.62
N ASP A 158 0.20 19.40 -11.87
CA ASP A 158 1.52 19.33 -12.57
C ASP A 158 2.58 20.18 -11.91
N SER A 159 2.20 21.42 -11.55
CA SER A 159 3.11 22.48 -11.20
C SER A 159 2.79 23.31 -9.95
N ASN A 160 1.60 23.90 -9.89
CA ASN A 160 1.35 24.95 -8.91
C ASN A 160 1.59 24.49 -7.49
N ILE A 161 1.09 23.30 -7.13
CA ILE A 161 1.24 22.82 -5.76
C ILE A 161 2.72 22.69 -5.36
N ILE A 162 3.50 22.02 -6.20
CA ILE A 162 4.96 21.89 -6.00
C ILE A 162 5.63 23.27 -5.94
N GLU A 163 5.31 24.12 -6.89
CA GLU A 163 5.91 25.46 -6.97
C GLU A 163 5.63 26.28 -5.71
N THR A 164 4.41 26.16 -5.18
CA THR A 164 3.97 26.92 -4.04
C THR A 164 4.70 26.42 -2.77
N ALA A 165 4.82 25.10 -2.64
CA ALA A 165 5.57 24.50 -1.55
C ALA A 165 7.03 24.92 -1.67
N GLU A 166 7.58 24.82 -2.88
CA GLU A 166 8.94 25.24 -3.12
C GLU A 166 9.24 26.64 -2.54
N ALA A 167 8.36 27.61 -2.83
CA ALA A 167 8.62 28.99 -2.40
C ALA A 167 8.21 29.22 -0.93
N ASP A 168 7.17 28.53 -0.48
CA ASP A 168 6.59 28.80 0.84
C ASP A 168 7.15 27.93 1.99
N LEU A 169 7.58 26.71 1.70
CA LEU A 169 8.09 25.82 2.76
C LEU A 169 9.51 25.32 2.53
N TYR A 170 10.18 25.86 1.51
CA TYR A 170 11.58 25.46 1.20
C TYR A 170 12.39 26.62 0.61
N ASN A 171 12.00 27.83 1.00
CA ASN A 171 12.73 29.07 0.67
C ASN A 171 13.37 29.05 -0.72
N SER A 172 12.57 28.68 -1.72
CA SER A 172 12.95 28.69 -3.15
C SER A 172 14.09 27.72 -3.53
N ALA A 173 14.36 26.73 -2.67
CA ALA A 173 15.35 25.67 -2.96
C ALA A 173 14.65 24.30 -3.11
N LEU A 174 14.56 23.86 -4.37
CA LEU A 174 14.02 22.53 -4.74
C LEU A 174 14.77 21.37 -4.05
N GLU A 175 16.09 21.46 -3.97
CA GLU A 175 16.87 20.45 -3.22
C GLU A 175 16.44 20.42 -1.75
N GLY A 176 15.84 21.49 -1.28
CA GLY A 176 15.22 21.49 0.03
C GLY A 176 14.15 20.43 0.13
N MET A 177 13.12 20.57 -0.69
CA MET A 177 12.10 19.56 -0.86
C MET A 177 12.63 18.15 -1.26
N VAL A 178 13.64 18.04 -2.14
CA VAL A 178 14.19 16.70 -2.50
C VAL A 178 14.81 16.03 -1.26
N ASP A 179 15.64 16.79 -0.56
CA ASP A 179 16.20 16.29 0.69
C ASP A 179 15.11 15.88 1.70
N ALA A 180 14.06 16.69 1.88
CA ALA A 180 12.93 16.26 2.77
C ALA A 180 12.16 15.00 2.30
N LEU A 181 11.95 14.82 1.01
CA LEU A 181 11.31 13.55 0.54
C LEU A 181 12.25 12.37 0.83
N LYS A 182 13.51 12.53 0.47
CA LYS A 182 14.55 11.56 0.80
C LYS A 182 14.59 11.24 2.27
N LYS A 183 14.56 12.26 3.13
CA LYS A 183 14.51 12.02 4.58
C LYS A 183 13.34 11.13 4.96
N ASN A 184 12.16 11.43 4.45
CA ASN A 184 10.97 10.63 4.83
C ASN A 184 10.92 9.23 4.23
N ILE A 185 11.61 9.06 3.11
CA ILE A 185 11.76 7.74 2.51
C ILE A 185 12.51 6.79 3.46
N THR A 186 13.58 7.28 4.09
CA THR A 186 14.39 6.40 4.94
C THR A 186 13.91 6.30 6.37
N THR A 187 13.13 7.25 6.90
CA THR A 187 12.77 7.21 8.34
C THR A 187 11.28 7.37 8.76
N GLU A 188 10.40 7.60 7.81
CA GLU A 188 8.95 7.66 8.04
C GLU A 188 8.23 6.63 7.19
N TRP A 189 8.67 6.48 5.93
CA TRP A 189 8.03 5.62 4.96
C TRP A 189 8.78 4.31 4.66
N ALA A 190 9.73 3.94 5.51
CA ALA A 190 10.63 2.82 5.18
C ALA A 190 9.87 1.54 4.78
N ASP A 191 8.83 1.21 5.56
CA ASP A 191 8.00 0.04 5.27
C ASP A 191 7.22 0.17 3.96
N GLN A 192 6.58 1.33 3.77
CA GLN A 192 5.86 1.62 2.51
C GLN A 192 6.78 1.51 1.29
N VAL A 193 8.00 2.01 1.43
CA VAL A 193 8.97 2.05 0.34
C VAL A 193 9.28 0.65 -0.17
N LYS A 194 9.53 -0.30 0.74
CA LYS A 194 9.75 -1.68 0.35
C LYS A 194 8.61 -2.21 -0.56
N ARG A 195 7.37 -1.90 -0.19
CA ARG A 195 6.20 -2.27 -0.99
C ARG A 195 6.12 -1.52 -2.32
N TRP A 196 6.49 -0.25 -2.28
CA TRP A 196 6.45 0.54 -3.50
C TRP A 196 7.40 -0.10 -4.51
N GLU A 197 8.54 -0.58 -4.03
CA GLU A 197 9.56 -1.16 -4.90
C GLU A 197 9.23 -2.56 -5.38
N THR A 198 8.26 -3.25 -4.77
CA THR A 198 8.01 -4.64 -5.12
C THR A 198 7.25 -4.78 -6.45
N CYS A 199 7.74 -5.68 -7.30
CA CYS A 199 7.11 -6.01 -8.59
C CYS A 199 7.59 -7.37 -9.05
N THR A 200 6.62 -8.24 -9.38
CA THR A 200 6.84 -9.63 -9.76
C THR A 200 6.91 -9.88 -11.27
N LYS A 201 6.69 -8.86 -12.10
CA LYS A 201 6.95 -8.97 -13.55
C LYS A 201 8.44 -8.92 -13.80
N THR A 203 8.95 -6.57 -14.63
CA THR A 203 10.09 -5.70 -14.58
C THR A 203 9.60 -4.30 -14.20
N ALA A 204 8.42 -3.94 -14.69
CA ALA A 204 7.70 -2.81 -14.14
C ALA A 204 6.25 -3.19 -13.86
N CYS A 205 5.65 -2.47 -12.93
CA CYS A 205 4.29 -2.76 -12.46
C CYS A 205 3.33 -1.55 -12.62
N PRO A 206 3.21 -1.04 -13.87
CA PRO A 206 2.49 0.21 -14.12
C PRO A 206 1.01 0.21 -13.73
N ASP A 207 0.31 -0.91 -13.89
CA ASP A 207 -1.14 -0.90 -13.58
C ASP A 207 -1.42 -0.65 -12.09
N ILE A 208 -0.47 -1.05 -11.25
CA ILE A 208 -0.53 -0.75 -9.81
C ILE A 208 -0.50 0.77 -9.59
N TYR A 209 0.42 1.41 -10.30
CA TYR A 209 0.63 2.84 -10.13
C TYR A 209 -0.55 3.58 -10.71
N ALA A 210 -1.10 3.12 -11.84
CA ALA A 210 -2.29 3.74 -12.44
C ALA A 210 -3.51 3.61 -11.53
N SER A 211 -3.69 2.45 -10.94
CA SER A 211 -4.87 2.27 -10.08
C SER A 211 -4.80 3.17 -8.88
N GLU A 212 -3.60 3.35 -8.37
CA GLU A 212 -3.36 4.24 -7.25
C GLU A 212 -3.72 5.66 -7.67
N GLY A 213 -3.30 6.02 -8.87
CA GLY A 213 -3.47 7.39 -9.34
C GLY A 213 -4.91 7.80 -9.54
N ILE A 214 -5.72 6.91 -10.11
CA ILE A 214 -7.14 7.19 -10.32
C ILE A 214 -7.83 7.35 -8.98
N GLN A 215 -7.48 6.50 -8.02
CA GLN A 215 -7.98 6.59 -6.65
C GLN A 215 -7.65 7.96 -6.05
N ALA A 216 -6.43 8.45 -6.30
CA ALA A 216 -6.02 9.71 -5.72
C ALA A 216 -6.61 10.90 -6.49
N ALA A 217 -6.76 10.78 -7.80
CA ALA A 217 -7.48 11.80 -8.58
C ALA A 217 -8.85 12.07 -7.95
N CYS A 218 -9.62 11.00 -7.74
CA CYS A 218 -10.98 11.06 -7.13
C CYS A 218 -10.97 11.46 -5.66
N ASP A 219 -10.13 10.82 -4.85
CA ASP A 219 -10.12 11.13 -3.42
C ASP A 219 -9.59 12.52 -3.07
N TRP A 220 -8.71 13.06 -3.91
CA TRP A 220 -7.95 14.26 -3.52
C TRP A 220 -7.93 15.37 -4.58
N ALA A 221 -7.79 15.04 -5.85
CA ALA A 221 -7.63 16.10 -6.85
C ALA A 221 -8.97 16.73 -7.21
N TYR A 222 -9.88 15.87 -7.66
CA TYR A 222 -11.24 16.28 -8.04
C TYR A 222 -12.09 16.66 -6.85
N LYS A 223 -11.79 16.04 -5.71
CA LYS A 223 -12.63 16.09 -4.50
C LYS A 223 -12.85 17.53 -4.06
N GLY A 224 -14.12 17.88 -3.80
CA GLY A 224 -14.51 19.21 -3.33
C GLY A 224 -14.51 20.33 -4.37
N VAL A 225 -13.86 20.09 -5.51
CA VAL A 225 -13.58 21.13 -6.49
C VAL A 225 -14.71 21.30 -7.54
N THR A 226 -15.14 22.55 -7.72
CA THR A 226 -16.14 22.92 -8.71
C THR A 226 -15.53 23.98 -9.62
N GLU A 227 -15.87 23.94 -10.91
CA GLU A 227 -15.49 24.99 -11.86
C GLU A 227 -15.72 26.38 -11.23
N GLY A 228 -14.69 27.23 -11.26
CA GLY A 228 -14.79 28.58 -10.72
C GLY A 228 -14.28 28.75 -9.31
N ASP A 229 -13.95 27.67 -8.61
CA ASP A 229 -13.49 27.78 -7.22
C ASP A 229 -12.14 28.47 -7.15
N THR A 230 -11.86 29.05 -6.01
CA THR A 230 -10.54 29.56 -5.72
C THR A 230 -9.95 28.52 -4.81
N LEU A 231 -8.83 27.91 -5.22
CA LEU A 231 -8.17 26.95 -4.37
C LEU A 231 -7.04 27.72 -3.70
N GLU A 232 -6.97 27.62 -2.39
CA GLU A 232 -6.02 28.40 -1.63
C GLU A 232 -5.40 27.54 -0.57
N ASP A 233 -5.06 28.14 0.58
CA ASP A 233 -4.38 27.40 1.65
C ASP A 233 -5.01 26.05 1.98
N GLU A 234 -6.32 26.00 2.17
CA GLU A 234 -6.97 24.75 2.66
C GLU A 234 -6.73 23.57 1.70
N TYR A 235 -6.92 23.84 0.43
CA TYR A 235 -6.68 22.84 -0.59
C TYR A 235 -5.18 22.54 -0.66
N PHE A 236 -4.37 23.57 -0.74
CA PHE A 236 -2.93 23.41 -0.78
C PHE A 236 -2.41 22.47 0.33
N TYR A 237 -2.79 22.77 1.57
CA TYR A 237 -2.25 22.02 2.71
C TYR A 237 -2.78 20.62 2.80
N SER A 238 -4.04 20.41 2.43
CA SER A 238 -4.60 19.09 2.54
C SER A 238 -4.13 18.21 1.37
N ARG A 239 -3.73 18.78 0.24
CA ARG A 239 -3.34 17.95 -0.90
C ARG A 239 -1.82 17.77 -1.06
N LEU A 240 -1.04 18.56 -0.33
CA LEU A 240 0.42 18.54 -0.42
C LEU A 240 0.99 17.18 -0.01
N PRO A 241 0.44 16.54 1.05
CA PRO A 241 0.90 15.22 1.43
C PRO A 241 0.78 14.13 0.34
N ILE A 242 -0.28 14.18 -0.46
CA ILE A 242 -0.43 13.20 -1.57
C ILE A 242 0.51 13.54 -2.73
N VAL A 243 0.72 14.83 -2.98
CA VAL A 243 1.72 15.20 -3.97
C VAL A 243 3.09 14.60 -3.58
N TYR A 244 3.54 14.88 -2.36
CA TYR A 244 4.79 14.31 -1.84
C TYR A 244 4.78 12.80 -1.94
N GLN A 245 3.70 12.19 -1.48
CA GLN A 245 3.58 10.76 -1.63
C GLN A 245 3.90 10.30 -3.04
N ARG A 246 3.24 10.92 -4.02
CA ARG A 246 3.36 10.49 -5.41
C ARG A 246 4.73 10.80 -6.04
N LEU A 247 5.38 11.84 -5.57
CA LEU A 247 6.73 12.13 -6.06
C LEU A 247 7.69 11.07 -5.51
N ALA A 248 7.56 10.70 -4.23
CA ALA A 248 8.51 9.74 -3.62
C ALA A 248 8.37 8.34 -4.24
N GLN A 249 7.10 7.95 -4.38
CA GLN A 249 6.73 6.78 -5.14
C GLN A 249 7.28 6.70 -6.56
N GLY A 250 7.14 7.75 -7.33
CA GLY A 250 7.75 7.80 -8.67
C GLY A 250 9.24 7.59 -8.64
N GLY A 251 9.87 8.37 -7.76
CA GLY A 251 11.29 8.26 -7.44
C GLY A 251 11.80 6.90 -7.03
N VAL A 252 11.08 6.28 -6.12
CA VAL A 252 11.46 4.96 -5.65
C VAL A 252 11.21 3.90 -6.72
N ARG A 253 10.13 4.02 -7.46
CA ARG A 253 9.78 3.00 -8.44
C ARG A 253 10.59 3.14 -9.71
N LEU A 254 10.99 4.36 -10.02
CA LEU A 254 11.89 4.56 -11.17
C LEU A 254 13.18 3.83 -10.90
N ALA A 255 13.87 4.15 -9.78
CA ALA A 255 15.10 3.42 -9.36
C ALA A 255 14.95 1.91 -9.29
N ALA A 256 13.93 1.43 -8.59
CA ALA A 256 13.63 0.00 -8.49
C ALA A 256 13.53 -0.65 -9.87
N THR A 257 12.98 0.08 -10.82
CA THR A 257 12.77 -0.46 -12.16
C THR A 257 14.08 -0.52 -12.96
N LEU A 258 14.88 0.52 -12.88
CA LEU A 258 16.15 0.49 -13.59
C LEU A 258 17.14 -0.50 -12.99
N ASN A 259 17.11 -0.65 -11.67
CA ASN A 259 17.90 -1.69 -10.98
C ASN A 259 17.51 -3.09 -11.45
N ARG A 260 16.21 -3.34 -11.57
CA ARG A 260 15.71 -4.64 -12.07
C ARG A 260 16.16 -4.85 -13.50
N ILE A 261 15.88 -3.87 -14.35
CA ILE A 261 16.23 -3.95 -15.77
C ILE A 261 17.70 -4.23 -15.99
N PHE A 262 18.55 -3.44 -15.35
CA PHE A 262 19.96 -3.52 -15.65
C PHE A 262 20.68 -4.56 -14.81
N GLY A 263 19.97 -5.25 -13.92
CA GLY A 263 20.55 -6.27 -13.07
C GLY A 263 20.31 -7.66 -13.63
N HIS A 264 20.91 -8.62 -13.10
N TRP B 1 -5.40 -16.19 12.46
CA TRP B 1 -4.66 -16.83 13.57
C TRP B 1 -5.44 -17.92 14.23
N GLY B 2 -4.71 -18.85 14.86
CA GLY B 2 -5.33 -19.77 15.79
C GLY B 2 -5.60 -19.08 17.10
N LYS B 3 -5.99 -19.87 18.08
CA LYS B 3 -6.35 -19.37 19.41
C LYS B 3 -5.31 -18.49 20.09
N GLU B 4 -4.06 -18.93 20.12
CA GLU B 4 -3.07 -18.18 20.87
C GLU B 4 -2.85 -16.82 20.18
N GLY B 5 -2.85 -16.79 18.86
CA GLY B 5 -2.72 -15.54 18.13
C GLY B 5 -3.75 -14.49 18.48
N HIS B 6 -5.04 -14.83 18.42
CA HIS B 6 -6.06 -13.83 18.80
C HIS B 6 -5.98 -13.43 20.27
N GLU B 7 -5.66 -14.40 21.13
CA GLU B 7 -5.45 -14.11 22.56
C GLU B 7 -4.44 -13.00 22.76
N ILE B 8 -3.27 -13.22 22.19
CA ILE B 8 -2.18 -12.26 22.26
C ILE B 8 -2.63 -10.89 21.80
N ILE B 9 -3.35 -10.83 20.67
CA ILE B 9 -3.72 -9.54 20.07
C ILE B 9 -4.74 -8.81 20.95
N CYS B 10 -5.71 -9.55 21.44
CA CYS B 10 -6.74 -8.96 22.27
C CYS B 10 -6.20 -8.57 23.64
N LYS B 11 -5.33 -9.39 24.22
CA LYS B 11 -4.65 -9.02 25.45
C LYS B 11 -3.85 -7.74 25.34
N ILE B 12 -3.11 -7.60 24.25
CA ILE B 12 -2.30 -6.40 24.07
C ILE B 12 -3.27 -5.24 23.94
N ALA B 13 -4.32 -5.44 23.12
CA ALA B 13 -5.23 -4.35 22.80
C ALA B 13 -5.97 -3.87 24.05
N GLN B 14 -6.50 -4.80 24.83
CA GLN B 14 -7.28 -4.37 25.98
C GLN B 14 -6.49 -3.52 26.96
N THR B 15 -5.22 -3.84 27.15
CA THR B 15 -4.38 -3.08 28.07
C THR B 15 -4.00 -1.70 27.54
N ARG B 16 -4.32 -1.43 26.27
CA ARG B 16 -3.99 -0.17 25.64
C ARG B 16 -5.21 0.69 25.33
N LEU B 17 -6.38 0.26 25.77
CA LEU B 17 -7.59 1.05 25.63
C LEU B 17 -7.56 2.18 26.65
N ASP B 18 -7.93 3.38 26.21
CA ASP B 18 -8.21 4.50 27.11
C ASP B 18 -9.46 4.18 27.93
N GLU B 19 -9.84 5.11 28.81
CA GLU B 19 -10.85 4.85 29.82
C GLU B 19 -12.25 4.75 29.21
N THR B 20 -12.51 5.55 28.19
CA THR B 20 -13.81 5.49 27.52
C THR B 20 -13.98 4.17 26.76
N ALA B 21 -12.96 3.78 26.00
CA ALA B 21 -13.06 2.55 25.22
C ALA B 21 -13.16 1.34 26.16
N ALA B 22 -12.48 1.42 27.31
CA ALA B 22 -12.47 0.33 28.29
C ALA B 22 -13.84 0.06 28.92
N LYS B 23 -14.54 1.11 29.33
CA LYS B 23 -15.92 0.94 29.78
C LYS B 23 -16.81 0.41 28.66
N ALA B 24 -16.67 0.95 27.46
CA ALA B 24 -17.54 0.50 26.39
C ALA B 24 -17.37 -1.02 26.18
N VAL B 25 -16.13 -1.50 26.17
CA VAL B 25 -15.85 -2.92 25.99
C VAL B 25 -16.43 -3.77 27.13
N LYS B 26 -16.33 -3.31 28.38
CA LYS B 26 -16.97 -4.02 29.51
C LYS B 26 -18.47 -4.18 29.29
N GLU B 27 -19.13 -3.09 28.89
CA GLU B 27 -20.59 -3.12 28.71
C GLU B 27 -21.01 -4.06 27.59
N LEU B 28 -20.34 -3.97 26.45
CA LEU B 28 -20.65 -4.83 25.29
C LEU B 28 -20.32 -6.30 25.49
N LEU B 29 -19.34 -6.60 26.33
CA LEU B 29 -18.98 -7.98 26.54
C LEU B 29 -20.05 -8.65 27.38
N PRO B 30 -20.38 -9.93 27.10
CA PRO B 30 -21.31 -10.59 27.99
C PRO B 30 -20.70 -10.74 29.39
N GLU B 31 -21.55 -10.80 30.43
CA GLU B 31 -21.05 -10.94 31.81
C GLU B 31 -20.18 -12.20 31.96
N SER B 32 -20.49 -13.24 31.19
CA SER B 32 -19.71 -14.48 31.19
C SER B 32 -18.22 -14.31 30.83
N ALA B 33 -17.89 -13.25 30.09
CA ALA B 33 -16.49 -12.97 29.72
C ALA B 33 -15.67 -12.36 30.88
N GLU B 34 -16.29 -12.09 32.03
CA GLU B 34 -15.54 -11.52 33.16
C GLU B 34 -14.74 -10.26 32.75
N GLY B 35 -15.25 -9.48 31.82
CA GLY B 35 -14.56 -8.26 31.32
C GLY B 35 -13.36 -8.48 30.40
N ASP B 36 -13.03 -9.75 30.10
CA ASP B 36 -11.80 -10.11 29.35
C ASP B 36 -12.07 -10.23 27.82
N LEU B 37 -11.61 -9.26 27.04
CA LEU B 37 -11.83 -9.32 25.61
C LEU B 37 -11.26 -10.61 25.03
N SER B 38 -10.06 -10.99 25.48
CA SER B 38 -9.38 -12.21 24.97
C SER B 38 -10.15 -13.52 25.15
N SER B 39 -11.09 -13.60 26.09
CA SER B 39 -11.86 -14.82 26.26
C SER B 39 -12.80 -15.11 25.06
N LEU B 40 -13.09 -14.11 24.25
CA LEU B 40 -14.02 -14.29 23.14
C LEU B 40 -13.49 -13.87 21.76
N CYS B 41 -12.20 -13.63 21.65
CA CYS B 41 -11.65 -13.21 20.35
C CYS B 41 -11.58 -14.38 19.35
N LEU B 42 -11.86 -15.60 19.78
CA LEU B 42 -12.03 -16.71 18.82
C LEU B 42 -13.46 -16.94 18.35
N TRP B 43 -14.42 -16.25 18.96
CA TRP B 43 -15.85 -16.49 18.72
C TRP B 43 -16.24 -16.50 17.22
N ALA B 44 -15.72 -15.56 16.44
CA ALA B 44 -16.03 -15.50 15.01
C ALA B 44 -15.62 -16.77 14.22
N ASP B 45 -14.53 -17.44 14.60
CA ASP B 45 -14.16 -18.71 13.93
C ASP B 45 -15.19 -19.84 14.23
N ARG B 46 -15.98 -19.64 15.28
CA ARG B 46 -17.01 -20.61 15.68
C ARG B 46 -18.35 -20.41 14.94
N VAL B 47 -18.54 -19.30 14.24
CA VAL B 47 -19.84 -19.02 13.59
C VAL B 47 -19.75 -18.93 12.06
N LYS B 48 -18.77 -19.60 11.46
CA LYS B 48 -18.61 -19.59 10.00
C LYS B 48 -19.70 -20.38 9.24
N PHE B 49 -20.40 -21.28 9.93
CA PHE B 49 -21.55 -22.01 9.39
C PHE B 49 -22.88 -21.62 10.06
N ARG B 50 -22.83 -21.25 11.33
CA ARG B 50 -23.96 -20.59 11.96
C ARG B 50 -24.37 -19.37 11.13
N TYR B 51 -23.39 -18.57 10.77
CA TYR B 51 -23.57 -17.40 9.94
C TYR B 51 -22.70 -17.58 8.69
N HIS B 52 -23.16 -18.37 7.74
CA HIS B 52 -22.35 -18.77 6.60
C HIS B 52 -21.89 -17.57 5.82
N TRP B 53 -22.66 -16.49 5.89
CA TRP B 53 -22.31 -15.23 5.24
C TRP B 53 -20.99 -14.62 5.79
N SER B 54 -20.63 -15.03 7.01
CA SER B 54 -19.44 -14.52 7.74
C SER B 54 -18.08 -15.10 7.30
N SER B 55 -18.09 -16.27 6.67
CA SER B 55 -16.89 -17.03 6.36
C SER B 55 -15.90 -16.30 5.51
N PRO B 56 -16.37 -15.63 4.43
CA PRO B 56 -15.46 -14.85 3.59
C PRO B 56 -14.80 -13.62 4.25
N LEU B 57 -15.25 -13.30 5.44
CA LEU B 57 -14.88 -12.04 6.08
C LEU B 57 -13.55 -12.19 6.80
N HIS B 58 -13.05 -13.41 6.89
CA HIS B 58 -11.83 -13.69 7.62
C HIS B 58 -10.56 -13.50 6.80
N TYR B 59 -10.68 -13.26 5.49
CA TYR B 59 -9.49 -13.25 4.62
C TYR B 59 -9.65 -12.40 3.36
N ILE B 60 -8.56 -12.27 2.63
CA ILE B 60 -8.55 -11.64 1.33
C ILE B 60 -7.72 -12.56 0.43
N ASN B 61 -8.26 -12.79 -0.75
CA ASN B 61 -7.64 -13.53 -1.81
C ASN B 61 -7.15 -12.55 -2.86
N THR B 62 -5.90 -12.69 -3.23
CA THR B 62 -5.31 -11.89 -4.29
C THR B 62 -4.89 -12.81 -5.45
N PRO B 63 -4.57 -12.20 -6.63
CA PRO B 63 -3.90 -12.93 -7.72
C PRO B 63 -2.50 -13.36 -7.25
N ASP B 64 -1.76 -14.09 -8.10
CA ASP B 64 -0.40 -14.47 -7.77
C ASP B 64 0.55 -13.30 -7.88
N ALA B 65 0.35 -12.29 -7.07
CA ALA B 65 1.23 -11.13 -7.05
C ALA B 65 1.24 -10.52 -5.65
N CYS B 66 2.27 -9.75 -5.36
CA CYS B 66 2.51 -9.22 -4.04
C CYS B 66 1.95 -7.80 -3.92
N SER B 67 0.64 -7.69 -4.11
CA SER B 67 -0.04 -6.42 -3.99
C SER B 67 -1.49 -6.68 -3.70
N TYR B 68 -2.14 -5.77 -3.01
CA TYR B 68 -3.54 -5.88 -2.73
C TYR B 68 -4.20 -4.59 -3.12
N GLN B 69 -5.35 -4.69 -3.78
CA GLN B 69 -6.22 -3.53 -4.06
C GLN B 69 -7.64 -3.83 -3.58
N TYR B 70 -8.24 -2.92 -2.83
CA TYR B 70 -9.60 -3.08 -2.35
C TYR B 70 -10.62 -3.36 -3.47
N ASN B 71 -10.68 -2.48 -4.46
CA ASN B 71 -11.56 -2.65 -5.64
C ASN B 71 -11.44 -4.05 -6.27
N ARG B 72 -10.22 -4.49 -6.49
CA ARG B 72 -9.97 -5.74 -7.15
C ARG B 72 -10.09 -6.96 -6.23
N ASP B 73 -9.59 -6.87 -5.00
CA ASP B 73 -9.53 -8.04 -4.12
C ASP B 73 -10.63 -8.16 -3.08
N CYS B 74 -11.16 -7.07 -2.55
CA CYS B 74 -12.21 -7.20 -1.53
C CYS B 74 -13.55 -7.68 -2.05
N LYS B 75 -13.68 -8.97 -2.24
CA LYS B 75 -14.99 -9.52 -2.61
C LYS B 75 -15.06 -11.02 -2.33
N ASP B 76 -16.26 -11.58 -2.25
CA ASP B 76 -16.37 -13.02 -2.01
C ASP B 76 -16.49 -13.80 -3.29
N GLU B 77 -16.80 -15.09 -3.17
CA GLU B 77 -16.83 -15.99 -4.31
C GLU B 77 -17.98 -15.66 -5.28
N SER B 78 -18.93 -14.85 -4.83
CA SER B 78 -20.00 -14.34 -5.71
C SER B 78 -19.66 -12.98 -6.32
N GLY B 79 -18.45 -12.49 -6.11
CA GLY B 79 -18.09 -11.16 -6.60
C GLY B 79 -18.65 -10.01 -5.80
N GLU B 80 -19.31 -10.28 -4.67
CA GLU B 80 -19.96 -9.21 -3.87
C GLU B 80 -18.95 -8.31 -3.16
N LYS B 81 -18.96 -7.02 -3.51
CA LYS B 81 -17.91 -6.08 -3.10
C LYS B 81 -17.88 -5.77 -1.60
N GLY B 82 -16.70 -5.74 -0.98
CA GLY B 82 -16.64 -5.50 0.45
C GLY B 82 -16.65 -6.77 1.29
N ARG B 83 -16.98 -7.91 0.68
CA ARG B 83 -17.06 -9.14 1.43
C ARG B 83 -15.65 -9.77 1.60
N CYS B 84 -14.86 -9.16 2.48
CA CYS B 84 -13.55 -9.64 2.83
C CYS B 84 -13.16 -9.02 4.17
N VAL B 85 -12.01 -9.39 4.68
CA VAL B 85 -11.64 -8.98 6.02
C VAL B 85 -11.56 -7.46 6.17
N ALA B 86 -10.95 -6.79 5.20
CA ALA B 86 -10.99 -5.34 5.11
C ALA B 86 -12.41 -4.76 5.11
N GLY B 87 -13.26 -5.21 4.20
CA GLY B 87 -14.66 -4.78 4.17
C GLY B 87 -15.37 -5.04 5.50
N ALA B 88 -15.12 -6.21 6.10
CA ALA B 88 -15.70 -6.48 7.41
C ALA B 88 -15.32 -5.45 8.50
N ILE B 89 -14.06 -5.02 8.49
CA ILE B 89 -13.58 -4.12 9.53
C ILE B 89 -14.30 -2.76 9.34
N TYR B 90 -14.44 -2.32 8.10
CA TYR B 90 -15.16 -1.09 7.80
C TYR B 90 -16.57 -1.16 8.33
N ASN B 91 -17.26 -2.26 8.03
CA ASN B 91 -18.62 -2.51 8.49
C ASN B 91 -18.80 -2.48 9.99
N TYR B 92 -18.02 -3.30 10.68
CA TYR B 92 -18.25 -3.48 12.08
C TYR B 92 -17.74 -2.31 12.94
N THR B 93 -16.69 -1.65 12.49
CA THR B 93 -16.26 -0.41 13.15
C THR B 93 -17.33 0.68 12.94
N THR B 94 -17.90 0.75 11.74
CA THR B 94 -18.98 1.69 11.42
C THR B 94 -20.19 1.45 12.35
N GLN B 95 -20.58 0.20 12.50
CA GLN B 95 -21.65 -0.14 13.45
C GLN B 95 -21.33 0.35 14.88
N LEU B 96 -20.08 0.15 15.36
CA LEU B 96 -19.72 0.52 16.75
C LEU B 96 -19.72 2.03 17.04
N LEU B 97 -19.55 2.83 15.99
CA LEU B 97 -19.78 4.27 16.06
C LEU B 97 -21.21 4.62 16.52
N SER B 98 -22.14 3.69 16.42
CA SER B 98 -23.53 3.86 16.92
C SER B 98 -23.68 3.72 18.43
N TYR B 99 -22.66 3.20 19.09
CA TYR B 99 -22.72 2.97 20.53
C TYR B 99 -23.05 4.28 21.27
N LYS B 100 -24.04 4.24 22.16
CA LYS B 100 -24.47 5.42 22.94
C LYS B 100 -24.15 5.19 24.42
N SER B 107 -29.28 0.08 17.28
CA SER B 107 -30.35 0.10 16.29
C SER B 107 -30.52 -1.29 15.65
N GLN B 108 -30.32 -1.38 14.34
CA GLN B 108 -30.47 -2.65 13.65
C GLN B 108 -29.51 -3.73 14.23
N TYR B 109 -28.32 -3.31 14.68
CA TYR B 109 -27.19 -4.23 14.85
C TYR B 109 -26.78 -4.55 16.30
N ASN B 110 -26.51 -5.83 16.53
CA ASN B 110 -25.99 -6.33 17.78
C ASN B 110 -24.54 -5.88 17.91
N LEU B 111 -24.29 -4.92 18.80
CA LEU B 111 -22.98 -4.29 18.95
C LEU B 111 -21.99 -5.16 19.73
N THR B 112 -22.50 -6.14 20.46
CA THR B 112 -21.66 -7.18 21.04
C THR B 112 -20.97 -7.98 19.92
N GLU B 113 -21.76 -8.42 18.94
CA GLU B 113 -21.23 -9.16 17.80
C GLU B 113 -20.24 -8.30 17.05
N ALA B 114 -20.54 -7.01 16.92
CA ALA B 114 -19.72 -6.10 16.16
C ALA B 114 -18.32 -5.96 16.77
N LEU B 115 -18.27 -5.90 18.09
CA LEU B 115 -17.02 -5.85 18.82
C LEU B 115 -16.26 -7.18 18.66
N LEU B 116 -16.96 -8.30 18.77
CA LEU B 116 -16.30 -9.59 18.65
C LEU B 116 -15.77 -9.81 17.23
N PHE B 117 -16.53 -9.40 16.22
CA PHE B 117 -16.09 -9.51 14.84
C PHE B 117 -14.89 -8.59 14.60
N VAL B 118 -15.00 -7.35 15.07
CA VAL B 118 -13.94 -6.41 14.79
C VAL B 118 -12.67 -6.84 15.51
N SER B 119 -12.82 -7.37 16.72
CA SER B 119 -11.66 -7.79 17.49
C SER B 119 -10.97 -8.96 16.75
N HIS B 120 -11.76 -9.90 16.23
CA HIS B 120 -11.21 -11.02 15.52
C HIS B 120 -10.65 -10.69 14.14
N PHE B 121 -11.37 -9.88 13.37
CA PHE B 121 -10.91 -9.51 12.06
C PHE B 121 -9.66 -8.62 12.07
N MET B 122 -9.56 -7.74 13.07
CA MET B 122 -8.36 -6.93 13.20
C MET B 122 -7.13 -7.83 13.41
N GLY B 123 -7.31 -8.90 14.18
CA GLY B 123 -6.34 -9.97 14.27
C GLY B 123 -6.07 -10.66 12.94
N ASP B 124 -7.12 -11.09 12.25
CA ASP B 124 -6.91 -11.85 10.98
C ASP B 124 -6.32 -11.01 9.90
N ILE B 125 -6.63 -9.70 9.83
CA ILE B 125 -6.03 -8.88 8.75
C ILE B 125 -4.52 -8.79 8.87
N HIS B 126 -4.01 -9.12 10.04
CA HIS B 126 -2.56 -9.10 10.32
C HIS B 126 -1.83 -10.43 10.14
N GLN B 127 -2.58 -11.51 9.97
CA GLN B 127 -1.99 -12.79 9.62
C GLN B 127 -1.60 -12.69 8.11
N PRO B 128 -0.32 -12.84 7.79
CA PRO B 128 0.06 -12.63 6.39
C PRO B 128 -0.67 -13.56 5.36
N LEU B 129 -0.85 -14.82 5.71
CA LEU B 129 -1.53 -15.72 4.83
C LEU B 129 -3.07 -15.63 4.92
N HIS B 130 -3.61 -14.61 5.59
CA HIS B 130 -5.02 -14.29 5.44
C HIS B 130 -5.25 -13.20 4.41
N VAL B 131 -4.15 -12.74 3.81
CA VAL B 131 -4.12 -11.79 2.72
C VAL B 131 -3.08 -12.36 1.77
N SER B 132 -3.51 -13.35 1.01
CA SER B 132 -2.58 -14.10 0.20
C SER B 132 -3.29 -14.75 -0.98
N TYR B 133 -2.63 -15.70 -1.62
CA TYR B 133 -3.03 -16.14 -2.94
C TYR B 133 -4.29 -16.98 -2.97
N ALA B 134 -5.24 -16.62 -3.84
CA ALA B 134 -6.36 -17.51 -4.15
C ALA B 134 -5.90 -18.88 -4.66
N SER B 135 -4.78 -18.93 -5.39
CA SER B 135 -4.41 -20.15 -6.10
C SER B 135 -4.00 -21.28 -5.15
N ASP B 136 -3.45 -20.94 -3.99
CA ASP B 136 -3.11 -21.94 -2.98
C ASP B 136 -3.97 -21.77 -1.73
N LYS B 137 -5.13 -21.15 -1.88
CA LYS B 137 -6.04 -20.91 -0.75
C LYS B 137 -5.27 -20.39 0.49
N GLY B 138 -4.46 -19.38 0.27
CA GLY B 138 -3.76 -18.74 1.35
C GLY B 138 -2.70 -19.59 2.01
N GLY B 139 -2.16 -20.54 1.25
CA GLY B 139 -1.17 -21.48 1.75
C GLY B 139 -1.71 -22.81 2.27
N ASN B 140 -3.04 -22.90 2.42
CA ASN B 140 -3.69 -24.14 2.83
C ASN B 140 -3.43 -25.34 1.94
N THR B 141 -3.09 -25.12 0.68
CA THR B 141 -2.78 -26.24 -0.20
C THR B 141 -1.30 -26.55 -0.28
N ILE B 142 -0.44 -25.74 0.35
CA ILE B 142 0.97 -26.03 0.35
C ILE B 142 1.27 -26.89 1.59
N GLU B 143 1.40 -28.20 1.38
CA GLU B 143 1.73 -29.14 2.45
C GLU B 143 3.25 -29.27 2.59
N VAL B 144 3.69 -29.07 3.82
CA VAL B 144 5.08 -29.12 4.20
C VAL B 144 5.13 -29.88 5.51
N HIS B 145 6.30 -29.93 6.13
CA HIS B 145 6.40 -30.42 7.49
C HIS B 145 6.90 -29.29 8.35
N TRP B 146 6.32 -29.21 9.54
CA TRP B 146 6.79 -28.38 10.62
C TRP B 146 7.55 -29.33 11.52
N TYR B 147 8.88 -29.24 11.44
CA TYR B 147 9.76 -30.23 11.99
C TYR B 147 9.26 -31.64 11.57
N THR B 148 8.75 -32.42 12.53
CA THR B 148 8.38 -33.84 12.30
C THR B 148 6.88 -34.07 12.04
N ARG B 149 6.07 -33.01 12.05
CA ARG B 149 4.65 -33.17 11.72
C ARG B 149 4.26 -32.50 10.43
N LYS B 150 3.54 -33.26 9.60
CA LYS B 150 2.90 -32.75 8.38
C LYS B 150 1.99 -31.60 8.73
N ALA B 151 2.00 -30.57 7.91
CA ALA B 151 1.21 -29.39 8.19
C ALA B 151 1.19 -28.54 6.93
N ASN B 152 0.14 -27.76 6.71
CA ASN B 152 0.18 -26.84 5.58
C ASN B 152 0.74 -25.51 6.00
N LEU B 153 1.10 -24.70 5.01
CA LEU B 153 1.78 -23.45 5.28
C LEU B 153 0.89 -22.52 6.04
N HIS B 154 -0.38 -22.53 5.72
CA HIS B 154 -1.27 -21.58 6.38
C HIS B 154 -1.29 -21.81 7.87
N HIS B 155 -1.43 -23.08 8.25
CA HIS B 155 -1.54 -23.48 9.65
C HIS B 155 -0.24 -23.18 10.36
N ILE B 156 0.88 -23.26 9.65
CA ILE B 156 2.15 -22.90 10.26
C ILE B 156 2.08 -21.47 10.76
N TRP B 157 1.46 -20.61 9.95
CA TRP B 157 1.37 -19.20 10.31
C TRP B 157 0.17 -18.92 11.28
N ASP B 158 -0.87 -19.73 11.24
CA ASP B 158 -1.98 -19.53 12.21
C ASP B 158 -1.53 -19.87 13.60
N SER B 159 -0.81 -20.99 13.71
CA SER B 159 -0.58 -21.65 14.97
C SER B 159 0.82 -22.15 15.26
N ASN B 160 1.45 -22.84 14.32
CA ASN B 160 2.68 -23.60 14.67
C ASN B 160 3.84 -22.72 15.12
N ILE B 161 4.11 -21.62 14.41
CA ILE B 161 5.21 -20.72 14.81
C ILE B 161 5.04 -20.17 16.24
N ILE B 162 3.87 -19.60 16.51
CA ILE B 162 3.55 -19.10 17.85
C ILE B 162 3.65 -20.23 18.92
N GLU B 163 3.05 -21.36 18.61
CA GLU B 163 3.00 -22.47 19.57
C GLU B 163 4.41 -22.96 19.92
N THR B 164 5.27 -23.00 18.92
CA THR B 164 6.63 -23.45 19.10
C THR B 164 7.41 -22.48 19.95
N ALA B 165 7.23 -21.18 19.71
CA ALA B 165 7.93 -20.18 20.48
C ALA B 165 7.44 -20.22 21.93
N GLU B 166 6.11 -20.35 22.10
CA GLU B 166 5.49 -20.51 23.42
C GLU B 166 6.20 -21.59 24.25
N ALA B 167 6.36 -22.78 23.67
CA ALA B 167 6.92 -23.92 24.41
C ALA B 167 8.44 -23.82 24.51
N ASP B 168 9.09 -23.30 23.46
CA ASP B 168 10.54 -23.45 23.33
C ASP B 168 11.35 -22.26 23.90
N LEU B 169 10.73 -21.07 23.95
CA LEU B 169 11.39 -19.89 24.53
C LEU B 169 10.70 -19.41 25.79
N TYR B 170 9.38 -19.60 25.90
CA TYR B 170 8.60 -19.06 27.04
C TYR B 170 8.06 -20.13 27.97
N ASN B 171 8.73 -21.29 27.98
CA ASN B 171 8.46 -22.33 28.97
C ASN B 171 6.98 -22.50 29.19
N SER B 172 6.25 -22.64 28.08
CA SER B 172 4.82 -22.96 28.04
C SER B 172 3.90 -21.92 28.71
N ALA B 173 4.42 -20.72 28.95
CA ALA B 173 3.64 -19.63 29.55
C ALA B 173 3.40 -18.54 28.49
N LEU B 174 2.17 -18.52 27.97
CA LEU B 174 1.75 -17.52 26.97
C LEU B 174 1.89 -16.07 27.48
N GLU B 175 1.47 -15.79 28.72
CA GLU B 175 1.66 -14.44 29.27
C GLU B 175 3.12 -13.98 29.09
N GLY B 176 4.06 -14.91 28.97
CA GLY B 176 5.47 -14.59 28.80
C GLY B 176 5.79 -13.90 27.49
N MET B 177 5.27 -14.49 26.42
CA MET B 177 5.31 -13.87 25.13
C MET B 177 4.55 -12.53 25.09
N VAL B 178 3.38 -12.46 25.70
CA VAL B 178 2.59 -11.23 25.73
C VAL B 178 3.38 -10.11 26.46
N ASP B 179 3.96 -10.44 27.62
CA ASP B 179 4.78 -9.48 28.34
C ASP B 179 5.95 -9.00 27.45
N ALA B 180 6.69 -9.91 26.81
CA ALA B 180 7.77 -9.48 25.89
C ALA B 180 7.31 -8.65 24.68
N LEU B 181 6.16 -8.93 24.08
CA LEU B 181 5.63 -8.04 23.01
C LEU B 181 5.33 -6.64 23.58
N LYS B 182 4.61 -6.59 24.70
CA LYS B 182 4.33 -5.32 25.34
C LYS B 182 5.63 -4.60 25.63
N LYS B 183 6.66 -5.33 26.08
CA LYS B 183 7.93 -4.70 26.40
C LYS B 183 8.55 -4.07 25.14
N ASN B 184 8.58 -4.80 24.04
CA ASN B 184 9.09 -4.24 22.78
C ASN B 184 8.25 -3.11 22.18
N ILE B 185 6.95 -3.18 22.35
CA ILE B 185 6.08 -2.07 21.96
C ILE B 185 6.50 -0.76 22.68
N THR B 186 6.79 -0.86 23.99
CA THR B 186 7.21 0.30 24.77
C THR B 186 8.60 0.80 24.46
N THR B 187 9.58 -0.09 24.32
CA THR B 187 10.98 0.31 24.36
C THR B 187 11.85 0.02 23.15
N GLU B 188 11.35 -0.81 22.25
CA GLU B 188 12.08 -1.13 21.04
C GLU B 188 11.38 -0.56 19.82
N TRP B 189 10.05 -0.62 19.80
CA TRP B 189 9.27 -0.25 18.62
C TRP B 189 8.48 1.02 18.79
N ALA B 190 8.77 1.79 19.84
CA ALA B 190 7.98 2.99 20.15
C ALA B 190 7.78 3.91 18.94
N ASP B 191 8.85 4.23 18.25
CA ASP B 191 8.75 5.02 17.03
C ASP B 191 7.81 4.40 15.98
N GLN B 192 7.99 3.12 15.67
CA GLN B 192 7.09 2.40 14.74
C GLN B 192 5.63 2.36 15.23
N VAL B 193 5.46 2.07 16.51
CA VAL B 193 4.12 2.00 17.11
C VAL B 193 3.27 3.22 16.78
N LYS B 194 3.89 4.41 16.80
CA LYS B 194 3.16 5.65 16.54
C LYS B 194 2.62 5.71 15.09
N ARG B 195 3.37 5.16 14.14
CA ARG B 195 2.90 5.08 12.76
C ARG B 195 1.83 4.03 12.60
N TRP B 196 2.01 2.90 13.29
CA TRP B 196 1.01 1.81 13.27
C TRP B 196 -0.37 2.30 13.71
N GLU B 197 -0.40 3.23 14.67
CA GLU B 197 -1.67 3.78 15.18
C GLU B 197 -2.25 4.94 14.35
N THR B 198 -1.42 5.61 13.54
CA THR B 198 -1.86 6.71 12.66
C THR B 198 -2.84 6.25 11.57
N CYS B 199 -4.05 6.81 11.57
CA CYS B 199 -5.07 6.51 10.55
C CYS B 199 -5.97 7.71 10.37
N THR B 200 -6.00 8.23 9.14
CA THR B 200 -6.76 9.44 8.78
C THR B 200 -8.22 9.21 8.34
N LYS B 201 -8.83 8.08 8.72
CA LYS B 201 -10.25 7.82 8.41
C LYS B 201 -11.11 7.93 9.66
N THR B 203 -11.81 5.54 10.16
CA THR B 203 -11.89 5.15 11.55
C THR B 203 -11.08 3.86 11.84
N ALA B 204 -10.86 3.04 10.81
CA ALA B 204 -9.72 2.12 10.76
C ALA B 204 -9.10 2.20 9.38
N CYS B 205 -7.89 1.66 9.22
CA CYS B 205 -7.13 1.72 7.97
C CYS B 205 -6.76 0.34 7.42
N PRO B 206 -7.75 -0.56 7.22
CA PRO B 206 -7.47 -1.97 6.88
C PRO B 206 -6.67 -2.22 5.59
N ASP B 207 -6.85 -1.36 4.59
CA ASP B 207 -6.18 -1.57 3.30
C ASP B 207 -4.66 -1.50 3.45
N ILE B 208 -4.23 -0.66 4.39
CA ILE B 208 -2.84 -0.58 4.80
C ILE B 208 -2.34 -1.87 5.45
N TYR B 209 -3.08 -2.37 6.42
CA TYR B 209 -2.69 -3.58 7.16
C TYR B 209 -2.73 -4.77 6.24
N ALA B 210 -3.65 -4.77 5.26
CA ALA B 210 -3.71 -5.82 4.23
C ALA B 210 -2.53 -5.74 3.28
N SER B 211 -2.23 -4.52 2.80
CA SER B 211 -1.05 -4.37 1.92
C SER B 211 0.24 -4.87 2.56
N GLU B 212 0.44 -4.54 3.84
CA GLU B 212 1.54 -5.09 4.63
C GLU B 212 1.54 -6.60 4.61
N GLY B 213 0.35 -7.17 4.78
CA GLY B 213 0.17 -8.59 4.94
C GLY B 213 0.63 -9.38 3.74
N ILE B 214 0.21 -8.93 2.56
CA ILE B 214 0.63 -9.56 1.32
C ILE B 214 2.13 -9.41 1.10
N GLN B 215 2.69 -8.24 1.41
CA GLN B 215 4.14 -8.06 1.38
C GLN B 215 4.86 -9.10 2.24
N ALA B 216 4.40 -9.27 3.47
CA ALA B 216 4.99 -10.24 4.39
C ALA B 216 4.72 -11.67 3.89
N ALA B 217 3.58 -11.87 3.24
CA ALA B 217 3.26 -13.19 2.68
C ALA B 217 4.39 -13.61 1.74
N CYS B 218 4.68 -12.71 0.80
CA CYS B 218 5.71 -12.90 -0.23
C CYS B 218 7.12 -12.89 0.28
N ASP B 219 7.46 -11.92 1.13
CA ASP B 219 8.85 -11.82 1.62
C ASP B 219 9.21 -12.89 2.65
N TRP B 220 8.23 -13.42 3.37
CA TRP B 220 8.55 -14.27 4.52
C TRP B 220 7.78 -15.60 4.60
N ALA B 221 6.47 -15.61 4.32
CA ALA B 221 5.71 -16.85 4.41
C ALA B 221 6.02 -17.81 3.24
N TYR B 222 5.72 -17.36 2.03
CA TYR B 222 5.92 -18.17 0.82
C TYR B 222 7.39 -18.29 0.48
N LYS B 223 8.18 -17.35 1.00
CA LYS B 223 9.52 -17.16 0.51
C LYS B 223 10.33 -18.44 0.75
N GLY B 224 10.87 -19.00 -0.33
CA GLY B 224 11.75 -20.17 -0.26
C GLY B 224 11.07 -21.52 -0.06
N VAL B 225 9.82 -21.51 0.39
CA VAL B 225 9.09 -22.73 0.67
C VAL B 225 8.60 -23.37 -0.64
N THR B 226 8.81 -24.68 -0.72
CA THR B 226 8.34 -25.52 -1.81
C THR B 226 7.54 -26.67 -1.19
N GLU B 227 6.52 -27.11 -1.90
CA GLU B 227 5.74 -28.29 -1.54
C GLU B 227 6.61 -29.47 -1.11
N GLY B 228 6.35 -30.00 0.07
CA GLY B 228 7.12 -31.12 0.57
C GLY B 228 8.32 -30.75 1.44
N ASP B 229 8.67 -29.49 1.56
CA ASP B 229 9.80 -29.10 2.41
C ASP B 229 9.61 -29.47 3.86
N THR B 230 10.72 -29.62 4.57
CA THR B 230 10.68 -29.64 6.04
C THR B 230 11.15 -28.27 6.49
N LEU B 231 10.28 -27.54 7.19
CA LEU B 231 10.64 -26.26 7.82
C LEU B 231 10.94 -26.53 9.27
N GLU B 232 12.13 -26.13 9.71
CA GLU B 232 12.54 -26.37 11.10
C GLU B 232 13.20 -25.11 11.58
N ASP B 233 14.30 -25.20 12.33
CA ASP B 233 14.89 -24.02 13.02
C ASP B 233 15.20 -22.84 12.07
N GLU B 234 15.80 -23.09 10.91
CA GLU B 234 16.13 -21.94 10.01
C GLU B 234 14.90 -21.04 9.77
N TYR B 235 13.87 -21.64 9.21
CA TYR B 235 12.62 -20.95 8.93
C TYR B 235 11.99 -20.43 10.21
N PHE B 236 11.96 -21.26 11.23
CA PHE B 236 11.36 -20.87 12.48
C PHE B 236 11.96 -19.57 13.01
N TYR B 237 13.29 -19.51 13.12
CA TYR B 237 13.89 -18.35 13.78
C TYR B 237 13.94 -17.10 12.90
N SER B 238 13.99 -17.28 11.58
CA SER B 238 14.01 -16.12 10.69
C SER B 238 12.59 -15.55 10.49
N ARG B 239 11.55 -16.34 10.74
CA ARG B 239 10.17 -15.86 10.52
C ARG B 239 9.47 -15.38 11.83
N LEU B 240 10.01 -15.77 12.96
CA LEU B 240 9.41 -15.47 14.25
C LEU B 240 9.33 -13.96 14.44
N PRO B 241 10.40 -13.21 14.06
CA PRO B 241 10.30 -11.75 14.22
C PRO B 241 9.14 -11.10 13.47
N ILE B 242 8.75 -11.69 12.34
CA ILE B 242 7.65 -11.17 11.54
C ILE B 242 6.36 -11.52 12.25
N VAL B 243 6.32 -12.72 12.81
CA VAL B 243 5.12 -13.12 13.51
C VAL B 243 4.93 -12.12 14.67
N TYR B 244 5.93 -11.97 15.53
CA TYR B 244 5.87 -11.01 16.63
C TYR B 244 5.43 -9.63 16.17
N GLN B 245 6.00 -9.18 15.04
CA GLN B 245 5.66 -7.89 14.47
C GLN B 245 4.18 -7.75 14.14
N ARG B 246 3.61 -8.72 13.46
CA ARG B 246 2.18 -8.70 13.13
C ARG B 246 1.21 -8.81 14.31
N LEU B 247 1.62 -9.53 15.34
CA LEU B 247 0.77 -9.65 16.55
C LEU B 247 0.71 -8.31 17.28
N ALA B 248 1.87 -7.66 17.46
CA ALA B 248 1.95 -6.35 18.13
C ALA B 248 1.14 -5.29 17.38
N GLN B 249 1.28 -5.36 16.05
CA GLN B 249 0.56 -4.47 15.13
C GLN B 249 -0.95 -4.62 15.27
N GLY B 250 -1.42 -5.85 15.19
CA GLY B 250 -2.83 -6.15 15.44
C GLY B 250 -3.36 -5.62 16.77
N GLY B 251 -2.63 -5.93 17.84
CA GLY B 251 -2.91 -5.46 19.20
C GLY B 251 -2.95 -3.95 19.35
N VAL B 252 -1.93 -3.31 18.82
CA VAL B 252 -1.83 -1.87 18.84
C VAL B 252 -2.94 -1.24 18.03
N ARG B 253 -3.21 -1.81 16.85
CA ARG B 253 -4.22 -1.27 15.96
C ARG B 253 -5.61 -1.57 16.41
N LEU B 254 -5.83 -2.75 16.96
CA LEU B 254 -7.13 -3.00 17.56
C LEU B 254 -7.41 -1.93 18.62
N ALA B 255 -6.49 -1.73 19.56
CA ALA B 255 -6.66 -0.69 20.60
C ALA B 255 -6.96 0.71 20.10
N ALA B 256 -6.15 1.21 19.18
CA ALA B 256 -6.33 2.52 18.60
C ALA B 256 -7.66 2.69 17.85
N THR B 257 -8.18 1.58 17.33
CA THR B 257 -9.42 1.63 16.57
C THR B 257 -10.59 1.79 17.54
N LEU B 258 -10.52 1.09 18.66
CA LEU B 258 -11.61 1.18 19.61
C LEU B 258 -11.57 2.49 20.35
N ASN B 259 -10.37 2.98 20.61
CA ASN B 259 -10.21 4.29 21.22
C ASN B 259 -10.83 5.36 20.33
N ARG B 260 -10.54 5.35 19.04
CA ARG B 260 -11.15 6.30 18.11
C ARG B 260 -12.67 6.10 18.06
N ILE B 261 -13.10 4.85 17.92
CA ILE B 261 -14.52 4.56 17.77
C ILE B 261 -15.33 5.05 18.97
N PHE B 262 -14.82 4.84 20.17
CA PHE B 262 -15.59 5.15 21.36
C PHE B 262 -15.40 6.58 21.91
N GLY B 263 -14.42 7.32 21.38
CA GLY B 263 -14.12 8.67 21.88
C GLY B 263 -14.66 9.83 21.04
N HIS B 264 -14.98 10.91 21.56
#